data_6MV6
#
_entry.id   6MV6
#
_cell.length_a   27.830
_cell.length_b   38.780
_cell.length_c   108.530
_cell.angle_alpha   90.00
_cell.angle_beta   90.00
_cell.angle_gamma   90.00
#
_symmetry.space_group_name_H-M   'P 2 21 21'
#
loop_
_entity.id
_entity.type
_entity.pdbx_description
1 polymer 'Ribonuclease K6'
2 non-polymer 'PHOSPHATE ION'
3 water water
#
_entity_poly.entity_id   1
_entity_poly.type   'polypeptide(L)'
_entity_poly.pdbx_seq_one_letter_code
;AKRLTKAHWFEIQHIQPSPLQCNRAMSGINNYTQHCKHQNTFLHDSFQNVAAVCDLLSIVCKNRRHNCHQSSKPVNMTDC
RLTSGKYPQCRYSAAAQYKFFIVACDPPQKSDPPYKLVPVHLDSIL
;
_entity_poly.pdbx_strand_id   A
#
loop_
_chem_comp.id
_chem_comp.type
_chem_comp.name
_chem_comp.formula
PO4 non-polymer 'PHOSPHATE ION' 'O4 P -3'
#
# COMPACT_ATOMS: atom_id res chain seq x y z
N ALA A 1 12.89 -9.62 5.52
CA ALA A 1 14.01 -9.59 4.58
C ALA A 1 15.09 -8.64 5.06
N LYS A 2 15.33 -8.64 6.38
CA LYS A 2 16.31 -7.75 6.97
C LYS A 2 16.17 -6.34 6.41
N ARG A 3 16.47 -6.17 5.13
CA ARG A 3 16.39 -4.87 4.48
C ARG A 3 15.43 -4.91 3.29
N LEU A 4 14.80 -3.75 3.03
CA LEU A 4 13.82 -3.68 1.95
C LEU A 4 13.84 -2.34 1.21
N THR A 5 13.52 -2.35 -0.08
CA THR A 5 13.31 -1.13 -0.80
C THR A 5 11.97 -0.51 -0.38
N LYS A 6 11.81 0.77 -0.69
CA LYS A 6 10.56 1.45 -0.39
C LYS A 6 9.39 0.77 -1.07
N ALA A 7 9.55 0.41 -2.34
CA ALA A 7 8.47 -0.26 -3.06
C ALA A 7 8.17 -1.64 -2.48
N HIS A 8 9.20 -2.37 -2.04
CA HIS A 8 8.93 -3.67 -1.44
C HIS A 8 8.16 -3.53 -0.13
N TRP A 9 8.51 -2.53 0.68
CA TRP A 9 7.76 -2.28 1.89
C TRP A 9 6.33 -1.86 1.57
N PHE A 10 6.15 -1.06 0.51
CA PHE A 10 4.79 -0.72 0.08
C PHE A 10 3.98 -1.96 -0.24
N GLU A 11 4.57 -2.93 -0.94
CA GLU A 11 3.88 -4.16 -1.29
C GLU A 11 3.49 -4.93 -0.04
N ILE A 12 4.44 -5.06 0.89
CA ILE A 12 4.20 -5.79 2.13
C ILE A 12 3.06 -5.14 2.92
N GLN A 13 3.04 -3.79 2.98
CA GLN A 13 2.05 -3.08 3.76
C GLN A 13 0.69 -3.02 3.08
N HIS A 14 0.65 -2.86 1.76
CA HIS A 14 -0.57 -2.41 1.13
C HIS A 14 -1.08 -3.28 -0.01
N ILE A 15 -0.38 -4.30 -0.46
CA ILE A 15 -0.80 -5.13 -1.59
C ILE A 15 -1.26 -6.48 -1.03
N GLN A 16 -2.55 -6.76 -1.15
CA GLN A 16 -3.14 -7.98 -0.60
C GLN A 16 -4.15 -8.51 -1.61
N PRO A 17 -3.67 -9.14 -2.69
CA PRO A 17 -4.57 -9.50 -3.80
C PRO A 17 -5.73 -10.38 -3.35
N SER A 18 -5.47 -11.30 -2.43
CA SER A 18 -6.56 -12.07 -1.86
C SER A 18 -6.72 -11.74 -0.40
N PRO A 19 -7.93 -11.41 0.03
CA PRO A 19 -8.12 -10.92 1.38
C PRO A 19 -7.67 -11.91 2.43
N LEU A 20 -7.10 -11.37 3.48
CA LEU A 20 -6.76 -12.08 4.70
C LEU A 20 -7.49 -11.41 5.85
N GLN A 21 -7.53 -12.13 6.97
CA GLN A 21 -7.96 -11.52 8.22
C GLN A 21 -6.94 -10.48 8.67
N CYS A 22 -7.44 -9.36 9.19
CA CYS A 22 -6.54 -8.31 9.66
C CYS A 22 -5.55 -8.82 10.71
N ASN A 23 -6.02 -9.62 11.66
CA ASN A 23 -5.12 -10.01 12.75
C ASN A 23 -3.94 -10.80 12.20
N ARG A 24 -4.18 -11.66 11.21
CA ARG A 24 -3.08 -12.44 10.62
C ARG A 24 -2.19 -11.55 9.76
N ALA A 25 -2.82 -10.73 8.89
CA ALA A 25 -2.04 -9.95 7.94
C ALA A 25 -1.20 -8.90 8.63
N MET A 26 -1.67 -8.33 9.73
CA MET A 26 -0.91 -7.30 10.42
C MET A 26 0.28 -7.84 11.19
N SER A 27 0.26 -9.14 11.53
CA SER A 27 1.29 -9.72 12.39
C SER A 27 2.69 -9.53 11.81
N GLY A 28 2.86 -9.82 10.52
CA GLY A 28 4.17 -9.66 9.93
C GLY A 28 4.62 -8.21 9.91
N ILE A 29 3.70 -7.31 9.56
CA ILE A 29 4.03 -5.89 9.51
C ILE A 29 4.44 -5.39 10.88
N ASN A 30 3.67 -5.75 11.91
CA ASN A 30 3.97 -5.30 13.26
C ASN A 30 5.27 -5.89 13.81
N ASN A 31 5.70 -7.03 13.28
CA ASN A 31 6.97 -7.60 13.70
C ASN A 31 8.15 -6.78 13.17
N TYR A 32 8.05 -6.28 11.93
CA TYR A 32 9.13 -5.47 11.38
C TYR A 32 9.29 -4.14 12.12
N THR A 33 8.20 -3.59 12.66
CA THR A 33 8.22 -2.29 13.33
C THR A 33 8.23 -2.41 14.84
N GLN A 34 7.95 -3.60 15.40
CA GLN A 34 7.98 -3.84 16.84
C GLN A 34 6.90 -3.06 17.59
N HIS A 35 5.74 -2.88 16.96
CA HIS A 35 4.62 -2.18 17.58
C HIS A 35 3.35 -2.60 16.87
N CYS A 36 2.22 -2.38 17.54
CA CYS A 36 0.91 -2.59 16.91
C CYS A 36 0.60 -1.34 16.07
N LYS A 37 0.68 -1.43 14.74
CA LYS A 37 0.25 -0.30 13.91
C LYS A 37 -1.23 -0.02 14.15
N HIS A 38 -1.58 1.25 14.26
CA HIS A 38 -2.93 1.59 14.67
C HIS A 38 -3.95 1.45 13.54
N GLN A 39 -3.52 1.66 12.29
CA GLN A 39 -4.41 1.52 11.13
C GLN A 39 -3.59 1.05 9.94
N ASN A 40 -4.24 0.29 9.07
CA ASN A 40 -3.63 -0.05 7.79
C ASN A 40 -4.68 -0.39 6.74
N THR A 41 -4.45 0.07 5.51
CA THR A 41 -5.32 -0.20 4.38
C THR A 41 -4.65 -1.20 3.45
N PHE A 42 -5.34 -2.31 3.18
CA PHE A 42 -4.87 -3.32 2.24
C PHE A 42 -5.66 -3.17 0.95
N LEU A 43 -4.96 -3.05 -0.16
CA LEU A 43 -5.57 -2.98 -1.49
C LEU A 43 -5.69 -4.38 -2.06
N HIS A 44 -6.89 -4.74 -2.52
CA HIS A 44 -7.11 -6.08 -3.09
C HIS A 44 -6.93 -6.03 -4.60
N ASP A 45 -5.67 -5.96 -5.02
CA ASP A 45 -5.26 -5.97 -6.41
C ASP A 45 -3.81 -6.42 -6.43
N SER A 46 -3.32 -6.79 -7.60
CA SER A 46 -1.96 -7.27 -7.72
C SER A 46 -0.96 -6.11 -7.70
N PHE A 47 0.29 -6.44 -7.34
CA PHE A 47 1.35 -5.42 -7.38
C PHE A 47 1.47 -4.85 -8.78
N GLN A 48 1.40 -5.71 -9.80
CA GLN A 48 1.50 -5.23 -11.18
CA GLN A 48 1.49 -5.25 -11.19
C GLN A 48 0.41 -4.23 -11.52
N ASN A 49 -0.83 -4.49 -11.08
CA ASN A 49 -1.92 -3.59 -11.42
C ASN A 49 -1.84 -2.28 -10.65
N VAL A 50 -1.40 -2.33 -9.40
CA VAL A 50 -1.23 -1.09 -8.66
C VAL A 50 -0.07 -0.31 -9.25
N ALA A 51 0.99 -1.01 -9.67
CA ALA A 51 2.13 -0.31 -10.24
C ALA A 51 1.76 0.39 -11.54
N ALA A 52 0.78 -0.12 -12.29
CA ALA A 52 0.34 0.52 -13.52
C ALA A 52 -0.25 1.90 -13.27
N VAL A 53 -0.79 2.14 -12.08
CA VAL A 53 -1.29 3.48 -11.75
C VAL A 53 -0.17 4.51 -11.85
N CYS A 54 1.06 4.09 -11.60
CA CYS A 54 2.16 5.04 -11.67
C CYS A 54 2.34 5.64 -13.06
N ASP A 55 1.87 4.96 -14.11
CA ASP A 55 1.98 5.46 -15.48
C ASP A 55 0.90 6.47 -15.84
N LEU A 56 -0.09 6.68 -14.98
CA LEU A 56 -1.14 7.66 -15.19
C LEU A 56 -0.64 9.05 -14.83
N LEU A 57 -1.43 10.06 -15.20
CA LEU A 57 -1.06 11.45 -15.01
C LEU A 57 -0.58 11.70 -13.57
N SER A 58 0.48 12.49 -13.44
CA SER A 58 1.03 12.87 -12.16
CA SER A 58 1.00 12.83 -12.12
C SER A 58 0.19 13.98 -11.54
N ILE A 59 0.03 13.94 -10.22
CA ILE A 59 -0.71 14.93 -9.45
C ILE A 59 0.02 15.21 -8.15
N VAL A 60 -0.45 16.24 -7.45
CA VAL A 60 0.16 16.62 -6.18
C VAL A 60 -0.16 15.59 -5.10
N CYS A 61 0.80 15.39 -4.21
CA CYS A 61 0.69 14.57 -3.04
C CYS A 61 0.41 15.43 -1.80
N LYS A 62 0.04 14.75 -0.71
CA LYS A 62 -0.15 15.44 0.57
C LYS A 62 1.10 16.19 1.01
N ASN A 63 2.29 15.64 0.76
CA ASN A 63 3.54 16.30 1.15
C ASN A 63 4.00 17.37 0.16
N ARG A 64 3.17 17.70 -0.82
CA ARG A 64 3.37 18.77 -1.78
C ARG A 64 4.33 18.38 -2.91
N ARG A 65 4.84 17.15 -2.95
CA ARG A 65 5.51 16.64 -4.12
C ARG A 65 4.49 16.40 -5.24
N HIS A 66 4.99 16.14 -6.45
CA HIS A 66 4.14 15.88 -7.61
C HIS A 66 4.38 14.51 -8.25
N ASN A 67 4.75 13.52 -7.44
CA ASN A 67 4.98 12.16 -7.91
C ASN A 67 3.83 11.23 -7.52
N CYS A 68 2.63 11.78 -7.36
CA CYS A 68 1.44 10.99 -7.04
C CYS A 68 0.61 10.74 -8.28
N HIS A 69 -0.22 9.70 -8.19
CA HIS A 69 -1.00 9.21 -9.31
C HIS A 69 -2.27 8.59 -8.76
N GLN A 70 -3.42 8.92 -9.35
CA GLN A 70 -4.70 8.43 -8.90
C GLN A 70 -5.15 7.21 -9.71
N SER A 71 -5.68 6.22 -9.02
CA SER A 71 -6.26 5.08 -9.72
C SER A 71 -7.38 5.54 -10.64
N SER A 72 -7.53 4.82 -11.77
CA SER A 72 -8.53 5.18 -12.76
C SER A 72 -9.93 4.75 -12.36
N LYS A 73 -10.03 3.80 -11.43
CA LYS A 73 -11.28 3.24 -10.94
C LYS A 73 -11.07 2.93 -9.46
N PRO A 74 -12.15 2.76 -8.69
CA PRO A 74 -12.02 2.29 -7.31
C PRO A 74 -11.55 0.84 -7.29
N VAL A 75 -11.01 0.43 -6.14
CA VAL A 75 -10.69 -0.96 -5.88
CA VAL A 75 -10.65 -0.94 -5.87
C VAL A 75 -11.23 -1.36 -4.52
N ASN A 76 -11.46 -2.65 -4.36
CA ASN A 76 -11.83 -3.18 -3.07
C ASN A 76 -10.64 -3.18 -2.14
N MET A 77 -10.90 -2.86 -0.88
CA MET A 77 -9.87 -2.73 0.14
C MET A 77 -10.39 -3.28 1.45
N THR A 78 -9.46 -3.55 2.36
CA THR A 78 -9.80 -3.84 3.75
C THR A 78 -9.11 -2.81 4.62
N ASP A 79 -9.87 -2.17 5.50
CA ASP A 79 -9.36 -1.20 6.46
C ASP A 79 -9.25 -1.90 7.81
N CYS A 80 -8.05 -1.99 8.35
CA CYS A 80 -7.81 -2.63 9.63
C CYS A 80 -7.54 -1.55 10.67
N ARG A 81 -8.28 -1.56 11.77
CA ARG A 81 -8.14 -0.56 12.82
C ARG A 81 -7.83 -1.27 14.13
N LEU A 82 -6.80 -0.82 14.83
CA LEU A 82 -6.39 -1.48 16.07
C LEU A 82 -7.45 -1.25 17.15
N THR A 83 -7.90 -2.34 17.79
CA THR A 83 -8.89 -2.24 18.85
C THR A 83 -8.36 -2.80 20.18
N TYR A 87 1.06 -5.67 22.41
CA TYR A 87 1.97 -6.20 21.41
C TYR A 87 2.81 -7.33 22.02
N PRO A 88 3.07 -8.40 21.24
CA PRO A 88 2.72 -8.64 19.84
C PRO A 88 1.31 -9.20 19.66
N GLN A 89 0.47 -9.09 20.69
CA GLN A 89 -0.92 -9.56 20.62
C GLN A 89 -1.83 -8.41 20.18
N CYS A 90 -1.69 -8.02 18.93
CA CYS A 90 -2.47 -6.91 18.38
C CYS A 90 -3.76 -7.44 17.75
N ARG A 91 -4.88 -6.81 18.10
CA ARG A 91 -6.20 -7.22 17.60
C ARG A 91 -6.89 -6.06 16.89
N TYR A 92 -7.51 -6.38 15.76
CA TYR A 92 -8.04 -5.39 14.84
C TYR A 92 -9.51 -5.63 14.52
N SER A 93 -10.21 -4.53 14.22
CA SER A 93 -11.48 -4.58 13.52
C SER A 93 -11.24 -4.34 12.05
N ALA A 94 -12.14 -4.87 11.22
CA ALA A 94 -12.00 -4.82 9.77
C ALA A 94 -13.24 -4.21 9.13
N ALA A 95 -13.02 -3.39 8.12
CA ALA A 95 -14.10 -2.83 7.32
C ALA A 95 -13.77 -2.98 5.85
N ALA A 96 -14.73 -3.49 5.07
CA ALA A 96 -14.60 -3.54 3.63
C ALA A 96 -14.85 -2.15 3.06
N GLN A 97 -14.07 -1.79 2.06
CA GLN A 97 -14.21 -0.51 1.39
C GLN A 97 -14.04 -0.69 -0.11
N TYR A 98 -14.53 0.30 -0.85
CA TYR A 98 -14.44 0.35 -2.30
C TYR A 98 -14.21 1.81 -2.67
N LYS A 99 -12.95 2.15 -2.95
CA LYS A 99 -12.51 3.54 -3.02
C LYS A 99 -11.41 3.67 -4.07
N PHE A 100 -11.28 4.88 -4.62
CA PHE A 100 -10.11 5.25 -5.38
C PHE A 100 -8.94 5.41 -4.42
N PHE A 101 -7.73 5.29 -4.96
CA PHE A 101 -6.52 5.55 -4.19
C PHE A 101 -5.54 6.39 -4.98
N ILE A 102 -4.63 7.01 -4.23
CA ILE A 102 -3.52 7.77 -4.82
C ILE A 102 -2.22 7.20 -4.25
N VAL A 103 -1.30 6.81 -5.13
CA VAL A 103 0.02 6.31 -4.75
C VAL A 103 1.06 7.32 -5.18
N ALA A 104 2.11 7.48 -4.36
CA ALA A 104 3.35 8.12 -4.79
C ALA A 104 4.22 7.05 -5.45
N CYS A 105 4.88 7.42 -6.54
CA CYS A 105 5.76 6.51 -7.26
C CYS A 105 7.12 7.15 -7.52
N ASP A 106 8.15 6.32 -7.50
CA ASP A 106 9.54 6.71 -7.70
C ASP A 106 10.13 5.81 -8.75
N PRO A 107 11.22 6.20 -9.38
CA PRO A 107 11.98 5.25 -10.19
C PRO A 107 12.41 4.07 -9.33
N PRO A 108 12.51 2.88 -9.91
CA PRO A 108 12.91 1.72 -9.12
C PRO A 108 14.31 1.86 -8.53
N GLN A 109 14.50 1.35 -7.32
CA GLN A 109 15.82 1.08 -6.79
C GLN A 109 16.39 -0.16 -7.46
N LYS A 110 17.68 -0.40 -7.26
CA LYS A 110 18.34 -1.50 -7.96
C LYS A 110 17.66 -2.84 -7.69
N SER A 111 17.16 -3.03 -6.46
CA SER A 111 16.57 -4.29 -6.03
C SER A 111 15.09 -4.41 -6.36
N ASP A 112 14.50 -3.44 -7.08
CA ASP A 112 13.10 -3.46 -7.45
C ASP A 112 12.93 -4.04 -8.84
N PRO A 113 11.73 -4.52 -9.18
CA PRO A 113 11.44 -4.88 -10.57
C PRO A 113 11.67 -3.67 -11.47
N PRO A 114 12.20 -3.88 -12.67
CA PRO A 114 12.64 -2.78 -13.53
C PRO A 114 11.53 -2.11 -14.36
N TYR A 115 10.43 -1.74 -13.69
CA TYR A 115 9.44 -0.87 -14.27
C TYR A 115 10.03 0.53 -14.45
N LYS A 116 9.33 1.39 -15.21
CA LYS A 116 9.73 2.80 -15.26
C LYS A 116 9.58 3.45 -13.88
N LEU A 117 8.49 3.14 -13.19
CA LEU A 117 8.18 3.70 -11.88
C LEU A 117 7.56 2.61 -11.02
N VAL A 118 7.79 2.69 -9.71
CA VAL A 118 7.20 1.75 -8.77
C VAL A 118 6.46 2.49 -7.66
N PRO A 119 5.39 1.91 -7.12
CA PRO A 119 4.64 2.58 -6.05
C PRO A 119 5.36 2.43 -4.72
N VAL A 120 5.42 3.52 -3.97
CA VAL A 120 6.23 3.60 -2.76
C VAL A 120 5.43 4.07 -1.55
N HIS A 121 4.27 4.70 -1.72
CA HIS A 121 3.48 5.15 -0.60
C HIS A 121 2.01 5.17 -0.99
N LEU A 122 1.16 4.83 -0.04
CA LEU A 122 -0.28 5.08 -0.18
C LEU A 122 -0.57 6.49 0.34
N ASP A 123 -0.71 7.44 -0.59
CA ASP A 123 -0.92 8.85 -0.23
C ASP A 123 -2.32 9.09 0.28
N SER A 124 -3.34 8.61 -0.44
CA SER A 124 -4.72 8.92 -0.11
C SER A 124 -5.63 7.78 -0.54
N ILE A 125 -6.76 7.69 0.16
CA ILE A 125 -7.94 6.96 -0.30
C ILE A 125 -9.07 7.98 -0.40
N LEU A 126 -9.93 7.82 -1.41
CA LEU A 126 -10.95 8.80 -1.70
C LEU A 126 -12.08 8.25 -2.61
P PO4 B . 19.35 2.32 -4.60
O1 PO4 B . 19.61 0.73 -4.62
O2 PO4 B . 20.75 3.10 -4.78
O3 PO4 B . 18.68 2.74 -3.20
O4 PO4 B . 18.43 2.68 -5.71
P PO4 C . 2.87 4.76 3.30
O1 PO4 C . 1.97 3.83 2.33
O2 PO4 C . 2.46 6.30 3.09
O3 PO4 C . 2.63 4.34 4.82
O4 PO4 C . 4.30 4.59 2.95
P PO4 D . 8.19 17.75 -7.43
O1 PO4 D . 7.76 16.21 -7.25
O2 PO4 D . 7.09 18.70 -6.75
O3 PO4 D . 9.61 17.99 -6.72
O4 PO4 D . 8.30 18.07 -8.87
#